data_5H6M
#
_entry.id   5H6M
#
_cell.length_a   134.720
_cell.length_b   134.720
_cell.length_c   73.120
_cell.angle_alpha   90.00
_cell.angle_beta   90.00
_cell.angle_gamma   120.00
#
_symmetry.space_group_name_H-M   'P 32 2 1'
#
loop_
_entity.id
_entity.type
_entity.pdbx_description
1 polymer Pierisin-1
2 non-polymer 1,2-ETHANEDIOL
3 water water
#
_entity_poly.entity_id   1
_entity_poly.type   'polypeptide(L)'
_entity_poly.pdbx_seq_one_letter_code
;GSGMKETAAAKFERQHMDSPDLGTDDDDKAMADIGSEFMADRQPYMTNGIQAAVVEWIRALDLEIISLLLSRAWPMALLA
TSELRWRPTVLTDTDNVVRLDRRQRLVRWDRRPPNEIFLDGFVPIVTRENPDWEETDLYGFAKNNHPSIFVSTTKTQRNK
KKYVWTPRNANRGIVYQYEIYAPGGVDVNDSFSDASPWPNQMQVAFPGGIQNIYIRSARELHNGRIQRIWINPNFLDPGD
LEPIVSSSRTPQVIWRMNHPDGGHRDQRSER
;
_entity_poly.pdbx_strand_id   A,B
#
loop_
_chem_comp.id
_chem_comp.type
_chem_comp.name
_chem_comp.formula
EDO non-polymer 1,2-ETHANEDIOL 'C2 H6 O2'
#
# COMPACT_ATOMS: atom_id res chain seq x y z
N TYR A 45 7.46 3.40 8.08
CA TYR A 45 8.43 2.28 7.86
C TYR A 45 7.80 0.92 8.23
N MET A 46 8.48 -0.15 7.85
CA MET A 46 7.97 -1.51 8.09
C MET A 46 8.51 -2.09 9.40
N THR A 47 7.61 -2.71 10.16
CA THR A 47 7.96 -3.39 11.41
C THR A 47 7.19 -4.70 11.51
N ASN A 48 7.80 -5.68 12.16
CA ASN A 48 7.11 -6.93 12.51
C ASN A 48 6.22 -6.81 13.76
N GLY A 49 6.27 -5.65 14.43
CA GLY A 49 5.29 -5.28 15.45
C GLY A 49 5.19 -6.25 16.62
N ILE A 50 4.07 -6.96 16.69
CA ILE A 50 3.79 -7.91 17.79
C ILE A 50 3.88 -9.38 17.34
N GLN A 51 4.65 -9.66 16.29
CA GLN A 51 4.82 -11.02 15.77
C GLN A 51 5.31 -12.00 16.84
N ALA A 52 6.19 -11.53 17.74
CA ALA A 52 6.74 -12.38 18.80
C ALA A 52 5.79 -12.68 19.97
N ALA A 53 4.65 -12.00 20.04
CA ALA A 53 3.72 -12.13 21.18
C ALA A 53 3.21 -13.56 21.38
N VAL A 54 3.05 -13.94 22.65
CA VAL A 54 2.44 -15.22 23.04
C VAL A 54 0.97 -15.06 23.48
N VAL A 55 0.60 -13.87 23.97
CA VAL A 55 -0.76 -13.61 24.43
C VAL A 55 -1.66 -13.43 23.20
N GLU A 56 -2.66 -14.31 23.06
CA GLU A 56 -3.44 -14.41 21.82
C GLU A 56 -4.29 -13.18 21.48
N TRP A 57 -4.90 -12.55 22.49
CA TRP A 57 -5.73 -11.36 22.24
C TRP A 57 -4.90 -10.17 21.74
N ILE A 58 -3.63 -10.09 22.16
CA ILE A 58 -2.70 -9.06 21.66
C ILE A 58 -2.30 -9.36 20.21
N ARG A 59 -2.08 -10.64 19.89
CA ARG A 59 -1.83 -11.07 18.50
C ARG A 59 -3.02 -10.81 17.57
N ALA A 60 -4.24 -10.96 18.11
CA ALA A 60 -5.47 -10.77 17.33
C ALA A 60 -5.69 -9.34 16.85
N LEU A 61 -5.25 -8.35 17.63
CA LEU A 61 -5.52 -6.94 17.33
C LEU A 61 -4.58 -6.37 16.26
N ASP A 62 -5.08 -5.39 15.52
CA ASP A 62 -4.30 -4.61 14.56
C ASP A 62 -3.23 -3.83 15.32
N LEU A 63 -2.10 -3.58 14.65
CA LEU A 63 -0.96 -2.87 15.27
C LEU A 63 -1.30 -1.45 15.71
N GLU A 64 -2.23 -0.81 15.00
CA GLU A 64 -2.71 0.53 15.37
C GLU A 64 -3.39 0.54 16.74
N ILE A 65 -4.11 -0.54 17.07
CA ILE A 65 -4.77 -0.67 18.38
C ILE A 65 -3.73 -0.86 19.49
N ILE A 66 -2.77 -1.76 19.27
CA ILE A 66 -1.71 -2.00 20.27
C ILE A 66 -0.89 -0.71 20.46
N SER A 67 -0.61 -0.01 19.36
CA SER A 67 0.07 1.29 19.42
C SER A 67 -0.67 2.31 20.29
N LEU A 68 -1.99 2.35 20.15
CA LEU A 68 -2.83 3.22 20.98
C LEU A 68 -2.77 2.83 22.46
N LEU A 69 -2.85 1.53 22.75
CA LEU A 69 -2.76 1.05 24.14
C LEU A 69 -1.43 1.47 24.80
N LEU A 70 -0.35 1.42 24.03
CA LEU A 70 0.98 1.82 24.51
C LEU A 70 1.17 3.32 24.74
N SER A 71 0.44 4.15 23.99
CA SER A 71 0.63 5.61 23.97
C SER A 71 -0.52 6.48 24.49
N ARG A 72 -1.71 5.88 24.67
CA ARG A 72 -2.92 6.63 25.10
C ARG A 72 -2.77 7.47 26.36
N ALA A 73 -1.94 7.01 27.31
CA ALA A 73 -1.74 7.68 28.59
C ALA A 73 -0.58 8.68 28.63
N TRP A 74 0.10 8.92 27.49
CA TRP A 74 1.25 9.83 27.46
C TRP A 74 0.77 11.28 27.63
N PRO A 75 1.44 12.05 28.52
CA PRO A 75 1.06 13.48 28.62
C PRO A 75 1.38 14.26 27.34
N MET A 76 0.72 15.40 27.17
CA MET A 76 0.85 16.22 25.95
C MET A 76 2.29 16.64 25.65
N ALA A 77 3.02 17.00 26.71
CA ALA A 77 4.44 17.35 26.60
C ALA A 77 5.28 16.22 25.97
N LEU A 78 4.96 14.98 26.35
CA LEU A 78 5.62 13.80 25.80
C LEU A 78 5.16 13.51 24.36
N LEU A 79 3.85 13.59 24.11
CA LEU A 79 3.29 13.41 22.76
C LEU A 79 3.87 14.38 21.72
N ALA A 80 4.18 15.60 22.15
CA ALA A 80 4.76 16.62 21.27
C ALA A 80 6.19 16.27 20.81
N THR A 81 6.95 15.60 21.67
CA THR A 81 8.36 15.29 21.40
C THR A 81 8.65 13.80 21.07
N SER A 82 7.74 12.90 21.41
CA SER A 82 7.97 11.45 21.30
C SER A 82 7.04 10.78 20.30
N GLU A 83 7.53 9.70 19.69
CA GLU A 83 6.75 8.83 18.80
C GLU A 83 6.90 7.40 19.27
N LEU A 84 5.89 6.57 19.04
CA LEU A 84 6.02 5.15 19.34
C LEU A 84 6.86 4.50 18.24
N ARG A 85 8.11 4.18 18.58
CA ARG A 85 9.05 3.64 17.60
C ARG A 85 9.18 2.13 17.76
N TRP A 86 8.37 1.42 16.99
CA TRP A 86 8.53 -0.03 16.83
C TRP A 86 9.88 -0.26 16.16
N ARG A 87 10.58 -1.31 16.56
CA ARG A 87 11.83 -1.66 15.89
C ARG A 87 11.50 -1.96 14.42
N PRO A 88 12.21 -1.31 13.49
CA PRO A 88 11.96 -1.63 12.07
C PRO A 88 12.50 -3.02 11.71
N THR A 89 12.03 -3.56 10.59
CA THR A 89 12.49 -4.86 10.10
C THR A 89 13.99 -4.85 9.79
N VAL A 90 14.48 -3.68 9.37
CA VAL A 90 15.91 -3.43 9.19
C VAL A 90 16.27 -2.22 10.06
N LEU A 91 17.19 -2.43 11.01
CA LEU A 91 17.51 -1.43 12.03
C LEU A 91 19.01 -1.15 12.09
N THR A 92 19.36 -0.09 12.81
CA THR A 92 20.76 0.23 13.12
C THR A 92 21.08 -0.33 14.49
N ASP A 93 22.07 -1.22 14.56
CA ASP A 93 22.43 -1.90 15.81
C ASP A 93 23.39 -1.03 16.63
N THR A 94 23.75 -1.50 17.83
CA THR A 94 24.54 -0.71 18.79
C THR A 94 26.00 -0.44 18.39
N ASP A 95 26.52 -1.18 17.41
CA ASP A 95 27.82 -0.88 16.78
C ASP A 95 27.68 -0.05 15.49
N ASN A 96 26.50 0.56 15.28
CA ASN A 96 26.18 1.34 14.07
C ASN A 96 26.17 0.52 12.77
N VAL A 97 26.01 -0.80 12.88
CA VAL A 97 25.91 -1.67 11.72
C VAL A 97 24.42 -1.96 11.49
N VAL A 98 24.00 -1.88 10.23
CA VAL A 98 22.61 -2.12 9.87
C VAL A 98 22.36 -3.63 9.82
N ARG A 99 21.36 -4.10 10.57
CA ARG A 99 21.02 -5.52 10.63
C ARG A 99 19.52 -5.72 10.63
N LEU A 100 19.10 -6.94 10.26
CA LEU A 100 17.70 -7.34 10.39
C LEU A 100 17.34 -7.34 11.88
N ASP A 101 16.07 -7.06 12.18
CA ASP A 101 15.61 -7.06 13.58
C ASP A 101 15.94 -8.36 14.32
N ARG A 102 15.78 -9.48 13.62
CA ARG A 102 16.06 -10.80 14.18
C ARG A 102 17.56 -11.15 14.36
N ARG A 103 18.47 -10.26 13.93
CA ARG A 103 19.90 -10.43 14.19
C ARG A 103 20.45 -9.45 15.23
N GLN A 104 19.58 -8.61 15.82
CA GLN A 104 19.96 -7.81 16.98
C GLN A 104 19.88 -8.72 18.20
N ARG A 105 21.01 -8.98 18.84
CA ARG A 105 21.07 -9.88 19.99
C ARG A 105 20.50 -9.19 21.23
N LEU A 106 19.34 -9.67 21.68
CA LEU A 106 18.72 -9.15 22.90
C LEU A 106 18.96 -10.11 24.05
N VAL A 107 18.91 -9.58 25.26
CA VAL A 107 19.13 -10.35 26.48
C VAL A 107 18.00 -10.05 27.46
N ARG A 108 17.54 -11.09 28.15
CA ARG A 108 16.64 -10.94 29.29
C ARG A 108 17.17 -11.73 30.49
N TRP A 109 17.30 -11.03 31.61
CA TRP A 109 17.62 -11.64 32.90
C TRP A 109 16.31 -12.10 33.52
N ASP A 110 16.26 -13.36 33.95
CA ASP A 110 15.04 -13.93 34.52
C ASP A 110 15.38 -15.06 35.48
N ARG A 111 14.65 -15.13 36.59
CA ARG A 111 14.83 -16.18 37.60
C ARG A 111 14.04 -17.45 37.29
N ARG A 112 13.12 -17.40 36.32
CA ARG A 112 12.40 -18.60 35.89
C ARG A 112 13.31 -19.50 35.03
N PRO A 113 13.28 -20.83 35.27
CA PRO A 113 14.22 -21.74 34.63
C PRO A 113 13.81 -22.18 33.21
N PRO A 114 14.72 -22.86 32.47
CA PRO A 114 14.44 -23.30 31.09
C PRO A 114 13.20 -24.18 30.91
N ASN A 115 12.90 -25.05 31.88
CA ASN A 115 11.69 -25.89 31.82
C ASN A 115 10.38 -25.09 31.75
N GLU A 116 10.40 -23.86 32.28
CA GLU A 116 9.30 -22.92 32.10
C GLU A 116 9.47 -22.09 30.83
N ILE A 117 10.62 -21.42 30.69
CA ILE A 117 10.83 -20.40 29.65
C ILE A 117 10.90 -20.98 28.24
N PHE A 118 11.67 -22.05 28.03
CA PHE A 118 11.70 -22.70 26.70
C PHE A 118 10.39 -23.44 26.37
N LEU A 119 9.59 -23.76 27.39
CA LEU A 119 8.26 -24.35 27.17
C LEU A 119 7.23 -23.29 26.76
N ASP A 120 7.09 -22.25 27.58
CA ASP A 120 6.04 -21.22 27.41
C ASP A 120 6.49 -19.98 26.64
N GLY A 121 7.79 -19.77 26.47
CA GLY A 121 8.32 -18.48 26.07
C GLY A 121 8.26 -17.55 27.27
N PHE A 122 8.36 -16.24 27.01
CA PHE A 122 8.20 -15.23 28.04
C PHE A 122 6.77 -14.70 28.03
N VAL A 123 6.01 -15.02 29.07
CA VAL A 123 4.62 -14.57 29.22
C VAL A 123 4.63 -13.36 30.17
N PRO A 124 3.97 -12.25 29.78
CA PRO A 124 3.95 -11.09 30.67
C PRO A 124 3.12 -11.33 31.94
N ILE A 125 3.33 -10.48 32.95
CA ILE A 125 2.60 -10.59 34.22
C ILE A 125 1.10 -10.39 34.02
N VAL A 126 0.72 -9.39 33.20
CA VAL A 126 -0.69 -9.12 32.88
C VAL A 126 -1.03 -9.72 31.51
N THR A 127 -1.89 -10.74 31.50
CA THR A 127 -2.38 -11.37 30.27
C THR A 127 -3.88 -11.17 29.99
N ARG A 128 -4.64 -10.66 30.98
CA ARG A 128 -6.11 -10.55 30.84
C ARG A 128 -6.55 -9.60 29.72
N GLU A 129 -7.74 -9.85 29.18
CA GLU A 129 -8.21 -9.21 27.95
C GLU A 129 -8.60 -7.73 28.07
N ASN A 130 -8.93 -7.27 29.29
CA ASN A 130 -9.29 -5.87 29.52
C ASN A 130 -8.39 -5.28 30.62
N PRO A 131 -7.10 -5.06 30.30
CA PRO A 131 -6.18 -4.51 31.30
C PRO A 131 -6.43 -3.05 31.59
N ASP A 132 -5.98 -2.59 32.76
CA ASP A 132 -6.05 -1.16 33.12
C ASP A 132 -5.07 -0.38 32.25
N TRP A 133 -5.30 0.93 32.12
CA TRP A 133 -4.41 1.79 31.34
C TRP A 133 -2.98 1.81 31.90
N GLU A 134 -2.84 1.67 33.21
CA GLU A 134 -1.51 1.58 33.85
C GLU A 134 -0.72 0.33 33.41
N GLU A 135 -1.43 -0.75 33.09
CA GLU A 135 -0.83 -2.01 32.68
C GLU A 135 -0.43 -2.08 31.20
N THR A 136 -0.89 -1.14 30.38
CA THR A 136 -0.51 -1.08 28.95
C THR A 136 0.36 0.12 28.58
N ASP A 137 0.62 1.04 29.51
CA ASP A 137 1.35 2.26 29.18
C ASP A 137 2.86 2.00 29.09
N LEU A 138 3.44 2.30 27.93
CA LEU A 138 4.88 2.12 27.71
C LEU A 138 5.72 3.06 28.57
N TYR A 139 5.26 4.31 28.72
CA TYR A 139 6.01 5.32 29.46
C TYR A 139 6.10 4.97 30.95
N GLY A 140 4.95 4.64 31.54
CA GLY A 140 4.89 4.14 32.92
C GLY A 140 5.67 2.85 33.14
N PHE A 141 5.62 1.95 32.16
CA PHE A 141 6.42 0.72 32.19
C PHE A 141 7.91 1.03 32.25
N ALA A 142 8.37 1.87 31.31
CA ALA A 142 9.77 2.32 31.29
C ALA A 142 10.16 3.04 32.59
N LYS A 143 9.28 3.92 33.08
CA LYS A 143 9.54 4.67 34.31
C LYS A 143 9.59 3.80 35.56
N ASN A 144 8.55 2.99 35.75
CA ASN A 144 8.26 2.34 37.03
C ASN A 144 8.41 0.82 37.08
N ASN A 145 8.31 0.15 35.93
CA ASN A 145 8.32 -1.32 35.88
C ASN A 145 7.27 -1.97 36.79
N HIS A 146 6.07 -1.41 36.79
CA HIS A 146 4.94 -2.00 37.51
C HIS A 146 4.33 -3.10 36.63
N PRO A 147 3.56 -4.03 37.23
CA PRO A 147 2.95 -5.13 36.47
C PRO A 147 2.26 -4.67 35.18
N SER A 148 2.58 -5.35 34.08
CA SER A 148 2.18 -4.88 32.76
C SER A 148 2.06 -6.02 31.75
N ILE A 149 1.60 -5.65 30.55
CA ILE A 149 1.55 -6.55 29.40
C ILE A 149 2.91 -6.77 28.70
N PHE A 150 3.95 -6.06 29.14
CA PHE A 150 5.26 -6.08 28.46
C PHE A 150 6.22 -7.10 29.04
N VAL A 151 7.05 -7.68 28.16
CA VAL A 151 8.26 -8.37 28.59
C VAL A 151 9.45 -7.50 28.17
N SER A 152 10.32 -7.21 29.14
CA SER A 152 11.48 -6.36 28.92
C SER A 152 12.67 -7.18 28.41
N THR A 153 13.43 -6.60 27.48
CA THR A 153 14.74 -7.11 27.08
C THR A 153 15.70 -5.93 26.95
N THR A 154 17.00 -6.22 26.86
CA THR A 154 18.03 -5.20 26.70
C THR A 154 18.92 -5.56 25.51
N LYS A 155 19.39 -4.54 24.80
CA LYS A 155 20.24 -4.74 23.61
C LYS A 155 21.66 -5.07 24.00
N THR A 156 22.27 -6.03 23.30
CA THR A 156 23.70 -6.25 23.44
C THR A 156 24.44 -5.00 22.94
N GLN A 157 25.38 -4.52 23.74
CA GLN A 157 26.14 -3.33 23.40
C GLN A 157 27.42 -3.76 22.70
N ARG A 158 27.36 -3.81 21.37
CA ARG A 158 28.43 -4.36 20.54
C ARG A 158 29.63 -3.42 20.46
N ASN A 159 29.37 -2.13 20.61
CA ASN A 159 30.43 -1.12 20.77
C ASN A 159 31.26 -1.25 22.07
N LYS A 160 30.76 -2.00 23.06
CA LYS A 160 31.45 -2.23 24.33
C LYS A 160 31.68 -3.73 24.59
N LYS A 161 32.13 -4.43 23.55
CA LYS A 161 32.45 -5.87 23.60
C LYS A 161 31.34 -6.75 24.18
N LYS A 162 30.14 -6.57 23.63
CA LYS A 162 28.94 -7.34 24.00
C LYS A 162 28.47 -7.19 25.46
N TYR A 163 28.73 -6.02 26.05
CA TYR A 163 28.20 -5.70 27.37
C TYR A 163 26.67 -5.62 27.31
N VAL A 164 26.01 -6.05 28.38
CA VAL A 164 24.56 -5.85 28.53
C VAL A 164 24.28 -5.20 29.88
N TRP A 165 23.23 -4.37 29.91
CA TRP A 165 22.72 -3.83 31.17
C TRP A 165 22.44 -5.01 32.10
N THR A 166 22.89 -4.89 33.35
CA THR A 166 22.85 -5.98 34.32
C THR A 166 22.15 -5.49 35.59
N PRO A 167 21.06 -6.17 36.01
CA PRO A 167 20.41 -5.76 37.25
C PRO A 167 21.28 -6.07 38.48
N ARG A 168 21.13 -5.25 39.52
CA ARG A 168 22.01 -5.31 40.69
C ARG A 168 22.03 -6.65 41.43
N ASN A 169 20.90 -7.37 41.40
CA ASN A 169 20.79 -8.68 42.06
C ASN A 169 21.08 -9.89 41.15
N ALA A 170 21.67 -9.66 39.98
CA ALA A 170 22.00 -10.73 39.04
C ALA A 170 23.00 -11.77 39.59
N ASN A 171 23.85 -11.34 40.52
CA ASN A 171 24.83 -12.24 41.18
C ASN A 171 24.34 -12.87 42.49
N ARG A 172 23.04 -12.80 42.77
CA ARG A 172 22.44 -13.38 43.99
C ARG A 172 21.40 -14.41 43.60
N GLY A 173 21.50 -15.60 44.18
CA GLY A 173 20.55 -16.69 43.91
C GLY A 173 20.76 -17.29 42.53
N ILE A 174 19.70 -17.91 42.02
CA ILE A 174 19.73 -18.57 40.70
C ILE A 174 19.14 -17.61 39.67
N VAL A 175 19.98 -17.19 38.72
CA VAL A 175 19.59 -16.23 37.68
C VAL A 175 19.97 -16.78 36.30
N TYR A 176 19.09 -16.59 35.33
CA TYR A 176 19.34 -16.99 33.95
C TYR A 176 19.46 -15.75 33.06
N GLN A 177 20.48 -15.73 32.21
CA GLN A 177 20.61 -14.72 31.17
C GLN A 177 20.16 -15.36 29.87
N TYR A 178 18.93 -15.05 29.45
CA TYR A 178 18.36 -15.60 28.22
C TYR A 178 18.78 -14.75 27.04
N GLU A 179 19.16 -15.41 25.94
CA GLU A 179 19.60 -14.77 24.71
C GLU A 179 18.46 -14.85 23.69
N ILE A 180 18.09 -13.70 23.12
CA ILE A 180 16.87 -13.57 22.33
C ILE A 180 17.17 -12.94 20.98
N TYR A 181 16.60 -13.53 19.92
CA TYR A 181 16.65 -12.98 18.57
C TYR A 181 15.22 -12.97 18.04
N ALA A 182 14.55 -11.83 18.20
CA ALA A 182 13.10 -11.75 17.98
C ALA A 182 12.74 -10.69 16.93
N PRO A 183 11.60 -10.90 16.25
CA PRO A 183 11.07 -9.86 15.37
C PRO A 183 10.28 -8.83 16.17
N GLY A 184 10.24 -7.59 15.68
CA GLY A 184 9.36 -6.57 16.24
C GLY A 184 9.79 -6.06 17.61
N GLY A 185 8.82 -5.70 18.43
CA GLY A 185 9.08 -5.07 19.73
C GLY A 185 9.24 -3.57 19.57
N VAL A 186 9.19 -2.86 20.70
CA VAL A 186 9.24 -1.40 20.74
C VAL A 186 10.57 -0.94 21.32
N ASP A 187 11.25 -0.06 20.60
CA ASP A 187 12.50 0.53 21.07
C ASP A 187 12.20 1.72 21.98
N VAL A 188 12.52 1.56 23.26
CA VAL A 188 12.12 2.54 24.28
C VAL A 188 12.90 3.87 24.12
N ASN A 189 14.22 3.79 24.00
CA ASN A 189 15.05 4.98 23.81
C ASN A 189 14.76 5.74 22.52
N ASP A 190 14.54 5.02 21.42
CA ASP A 190 14.14 5.64 20.15
C ASP A 190 12.79 6.34 20.26
N SER A 191 11.88 5.74 21.03
CA SER A 191 10.53 6.30 21.22
C SER A 191 10.56 7.62 21.99
N PHE A 192 11.23 7.62 23.14
CA PHE A 192 11.20 8.78 24.05
C PHE A 192 12.37 9.75 23.91
N SER A 193 13.45 9.34 23.24
CA SER A 193 14.65 10.17 23.04
C SER A 193 15.17 10.74 24.38
N ASP A 194 15.30 12.06 24.52
CA ASP A 194 15.79 12.65 25.78
C ASP A 194 14.85 12.48 26.97
N ALA A 195 13.57 12.19 26.72
CA ALA A 195 12.62 11.88 27.78
C ALA A 195 12.63 10.41 28.26
N SER A 196 13.49 9.56 27.68
CA SER A 196 13.58 8.17 28.12
C SER A 196 14.01 8.14 29.58
N PRO A 197 13.20 7.53 30.48
CA PRO A 197 13.52 7.65 31.91
C PRO A 197 14.83 6.99 32.37
N TRP A 198 15.16 5.82 31.83
CA TRP A 198 16.39 5.10 32.20
C TRP A 198 17.08 4.57 30.94
N PRO A 199 17.71 5.47 30.15
CA PRO A 199 18.24 5.07 28.83
C PRO A 199 19.40 4.05 28.87
N ASN A 200 20.13 4.00 29.99
CA ASN A 200 21.14 2.95 30.23
C ASN A 200 20.60 1.52 30.12
N GLN A 201 19.29 1.34 30.30
CA GLN A 201 18.66 0.02 30.19
C GLN A 201 18.56 -0.50 28.74
N MET A 202 18.74 0.37 27.74
CA MET A 202 18.78 -0.02 26.32
C MET A 202 17.63 -0.96 25.99
N GLN A 203 16.43 -0.54 26.38
CA GLN A 203 15.30 -1.43 26.53
C GLN A 203 14.54 -1.64 25.22
N VAL A 204 14.19 -2.89 24.93
CA VAL A 204 13.24 -3.23 23.88
C VAL A 204 12.10 -3.98 24.55
N ALA A 205 10.89 -3.43 24.44
CA ALA A 205 9.71 -3.97 25.12
C ALA A 205 8.82 -4.76 24.16
N PHE A 206 8.33 -5.90 24.62
CA PHE A 206 7.49 -6.80 23.83
C PHE A 206 6.11 -6.93 24.45
N PRO A 207 5.13 -6.11 24.00
CA PRO A 207 3.77 -6.27 24.52
C PRO A 207 3.18 -7.62 24.10
N GLY A 208 2.69 -8.37 25.07
CA GLY A 208 2.19 -9.73 24.84
C GLY A 208 3.25 -10.82 24.85
N GLY A 209 4.50 -10.47 25.14
CA GLY A 209 5.55 -11.47 25.39
C GLY A 209 6.38 -11.88 24.20
N ILE A 210 7.14 -12.96 24.38
CA ILE A 210 8.10 -13.46 23.39
C ILE A 210 7.98 -14.97 23.26
N GLN A 211 7.68 -15.45 22.06
CA GLN A 211 7.59 -16.89 21.78
C GLN A 211 8.92 -17.62 22.02
N ASN A 212 8.81 -18.87 22.46
CA ASN A 212 9.99 -19.72 22.73
C ASN A 212 10.92 -19.91 21.53
N ILE A 213 10.37 -19.89 20.33
CA ILE A 213 11.15 -20.02 19.09
C ILE A 213 12.17 -18.88 18.85
N TYR A 214 12.02 -17.75 19.54
CA TYR A 214 12.94 -16.62 19.42
C TYR A 214 14.00 -16.55 20.54
N ILE A 215 14.04 -17.56 21.41
CA ILE A 215 15.01 -17.63 22.50
C ILE A 215 16.05 -18.69 22.12
N ARG A 216 17.30 -18.27 21.89
CA ARG A 216 18.33 -19.19 21.40
C ARG A 216 18.99 -20.00 22.52
N SER A 217 19.34 -19.31 23.61
CA SER A 217 20.13 -19.95 24.67
C SER A 217 19.90 -19.29 26.02
N ALA A 218 20.48 -19.89 27.06
CA ALA A 218 20.42 -19.32 28.42
C ALA A 218 21.67 -19.69 29.21
N ARG A 219 22.25 -18.72 29.89
CA ARG A 219 23.36 -18.94 30.82
C ARG A 219 22.79 -19.05 32.24
N GLU A 220 23.01 -20.21 32.87
CA GLU A 220 22.51 -20.47 34.23
C GLU A 220 23.58 -20.04 35.25
N LEU A 221 23.26 -19.04 36.06
CA LEU A 221 24.16 -18.52 37.09
C LEU A 221 23.68 -18.89 38.48
N HIS A 222 24.58 -19.43 39.31
CA HIS A 222 24.32 -19.71 40.72
C HIS A 222 25.21 -18.78 41.55
N ASN A 223 24.61 -17.76 42.17
CA ASN A 223 25.34 -16.67 42.85
C ASN A 223 26.43 -16.05 41.97
N GLY A 224 26.09 -15.78 40.71
CA GLY A 224 27.03 -15.17 39.75
C GLY A 224 28.00 -16.10 39.05
N ARG A 225 28.06 -17.37 39.45
CA ARG A 225 28.98 -18.36 38.86
C ARG A 225 28.21 -19.19 37.85
N ILE A 226 28.69 -19.25 36.62
CA ILE A 226 28.01 -20.02 35.56
C ILE A 226 28.10 -21.53 35.79
N GLN A 227 26.98 -22.22 35.60
CA GLN A 227 26.87 -23.67 35.78
C GLN A 227 26.69 -24.40 34.45
N ARG A 228 25.74 -23.92 33.64
CA ARG A 228 25.39 -24.54 32.36
C ARG A 228 25.05 -23.46 31.33
N ILE A 229 25.30 -23.78 30.05
CA ILE A 229 24.76 -23.01 28.93
C ILE A 229 23.68 -23.87 28.28
N TRP A 230 22.44 -23.39 28.30
CA TRP A 230 21.29 -24.10 27.74
C TRP A 230 21.10 -23.74 26.28
N ILE A 231 20.88 -24.75 25.44
CA ILE A 231 20.61 -24.57 24.02
C ILE A 231 19.15 -24.94 23.76
N ASN A 232 18.39 -24.02 23.16
CA ASN A 232 16.99 -24.26 22.82
C ASN A 232 16.88 -24.95 21.46
N PRO A 233 16.45 -26.23 21.43
CA PRO A 233 16.37 -26.93 20.14
C PRO A 233 15.28 -26.40 19.19
N ASN A 234 14.28 -25.72 19.73
CA ASN A 234 13.19 -25.12 18.93
C ASN A 234 13.46 -23.70 18.46
N PHE A 235 14.68 -23.18 18.67
CA PHE A 235 15.04 -21.84 18.18
C PHE A 235 14.97 -21.77 16.65
N LEU A 236 14.21 -20.81 16.15
CA LEU A 236 14.11 -20.55 14.71
C LEU A 236 15.30 -19.67 14.30
N ASP A 237 16.28 -20.30 13.65
CA ASP A 237 17.52 -19.62 13.32
C ASP A 237 17.36 -18.75 12.08
N PRO A 238 17.63 -17.43 12.18
CA PRO A 238 17.58 -16.57 11.00
C PRO A 238 18.86 -16.62 10.13
N GLY A 239 19.90 -17.31 10.60
CA GLY A 239 21.18 -17.36 9.88
C GLY A 239 22.06 -16.17 10.20
N ASP A 240 23.36 -16.33 9.94
CA ASP A 240 24.38 -15.28 10.11
C ASP A 240 24.58 -14.78 11.55
N LEU A 241 24.16 -15.57 12.54
CA LEU A 241 24.37 -15.21 13.94
C LEU A 241 25.76 -15.66 14.36
N GLU A 242 26.35 -14.95 15.32
CA GLU A 242 27.63 -15.36 15.90
C GLU A 242 27.40 -16.60 16.78
N PRO A 243 28.46 -17.43 16.98
CA PRO A 243 28.31 -18.57 17.88
C PRO A 243 27.93 -18.16 19.30
N ILE A 244 27.27 -19.08 20.02
CA ILE A 244 26.87 -18.83 21.41
C ILE A 244 28.14 -18.66 22.24
N VAL A 245 28.14 -17.66 23.13
CA VAL A 245 29.33 -17.31 23.92
C VAL A 245 29.66 -18.48 24.84
N SER A 246 30.88 -19.01 24.73
CA SER A 246 31.24 -20.27 25.37
C SER A 246 32.65 -20.26 25.94
N SER A 247 32.83 -20.99 27.05
CA SER A 247 34.12 -21.37 27.59
C SER A 247 34.23 -22.89 27.50
N SER A 248 35.47 -23.39 27.45
CA SER A 248 35.72 -24.84 27.40
C SER A 248 35.35 -25.58 28.70
N ARG A 249 35.29 -24.84 29.81
CA ARG A 249 35.02 -25.43 31.13
C ARG A 249 33.52 -25.61 31.40
N THR A 250 32.69 -24.73 30.83
CA THR A 250 31.24 -24.77 31.04
C THR A 250 30.58 -25.79 30.11
N PRO A 251 29.74 -26.69 30.66
CA PRO A 251 29.01 -27.63 29.80
C PRO A 251 27.85 -26.97 29.04
N GLN A 252 27.73 -27.30 27.75
CA GLN A 252 26.58 -26.89 26.94
C GLN A 252 25.55 -28.02 26.94
N VAL A 253 24.30 -27.68 27.24
CA VAL A 253 23.24 -28.66 27.40
C VAL A 253 22.09 -28.33 26.45
N ILE A 254 21.68 -29.31 25.64
CA ILE A 254 20.51 -29.15 24.78
C ILE A 254 19.28 -29.41 25.64
N TRP A 255 18.37 -28.43 25.70
CA TRP A 255 17.17 -28.52 26.51
C TRP A 255 16.15 -29.50 25.92
N ARG A 256 15.39 -30.14 26.80
CA ARG A 256 14.18 -30.87 26.43
C ARG A 256 13.11 -30.59 27.49
N MET A 257 11.86 -30.90 27.16
CA MET A 257 10.73 -30.71 28.08
C MET A 257 10.96 -31.55 29.34
N ASN A 258 10.79 -30.92 30.51
CA ASN A 258 11.05 -31.55 31.81
C ASN A 258 12.47 -32.12 31.95
N HIS A 259 13.46 -31.35 31.51
CA HIS A 259 14.87 -31.72 31.64
C HIS A 259 15.17 -31.86 33.14
N PRO A 260 15.82 -32.97 33.57
CA PRO A 260 16.03 -33.20 35.02
C PRO A 260 16.82 -32.11 35.76
N ASP A 261 17.77 -31.50 35.06
CA ASP A 261 18.54 -30.33 35.54
C ASP A 261 17.98 -28.96 35.12
N GLY A 262 16.79 -28.92 34.53
CA GLY A 262 16.24 -27.70 33.92
C GLY A 262 15.22 -26.92 34.72
N GLY A 263 15.08 -27.24 36.01
CA GLY A 263 14.11 -26.58 36.90
C GLY A 263 14.71 -25.91 38.13
N HIS A 264 16.00 -25.60 38.09
CA HIS A 264 16.67 -24.97 39.23
C HIS A 264 16.24 -23.51 39.38
N ARG A 265 15.73 -23.17 40.55
CA ARG A 265 15.20 -21.82 40.81
C ARG A 265 15.19 -21.48 42.31
N ASP A 266 14.95 -20.20 42.61
CA ASP A 266 14.82 -19.74 43.99
C ASP A 266 13.50 -20.17 44.60
N GLN A 267 13.48 -20.44 45.90
CA GLN A 267 12.24 -20.62 46.66
C GLN A 267 12.46 -20.42 48.16
N PRO B 44 2.99 8.96 -7.64
CA PRO B 44 2.07 7.84 -7.37
C PRO B 44 0.67 8.31 -6.98
N TYR B 45 -0.32 8.03 -7.83
CA TYR B 45 -1.72 8.39 -7.59
C TYR B 45 -2.64 7.28 -8.10
N MET B 46 -3.92 7.38 -7.75
CA MET B 46 -4.90 6.35 -8.10
C MET B 46 -5.60 6.65 -9.42
N THR B 47 -5.74 5.62 -10.25
CA THR B 47 -6.45 5.71 -11.52
C THR B 47 -7.30 4.47 -11.73
N ASN B 48 -8.39 4.62 -12.47
CA ASN B 48 -9.21 3.49 -12.92
C ASN B 48 -8.67 2.84 -14.21
N GLY B 49 -7.62 3.41 -14.79
CA GLY B 49 -6.82 2.77 -15.82
C GLY B 49 -7.61 2.34 -17.05
N ILE B 50 -7.75 1.02 -17.23
CA ILE B 50 -8.43 0.45 -18.41
C ILE B 50 -9.83 -0.12 -18.08
N GLN B 51 -10.45 0.37 -17.01
CA GLN B 51 -11.78 -0.11 -16.58
C GLN B 51 -12.86 0.03 -17.68
N ALA B 52 -12.76 1.09 -18.48
CA ALA B 52 -13.74 1.32 -19.57
C ALA B 52 -13.62 0.38 -20.77
N ALA B 53 -12.50 -0.35 -20.88
CA ALA B 53 -12.19 -1.15 -22.07
C ALA B 53 -13.24 -2.22 -22.40
N VAL B 54 -13.51 -2.38 -23.70
CA VAL B 54 -14.36 -3.45 -24.22
C VAL B 54 -13.56 -4.67 -24.67
N VAL B 55 -12.30 -4.47 -25.06
CA VAL B 55 -11.42 -5.55 -25.54
C VAL B 55 -10.92 -6.31 -24.31
N GLU B 56 -11.28 -7.59 -24.22
CA GLU B 56 -11.09 -8.35 -22.98
C GLU B 56 -9.64 -8.61 -22.61
N TRP B 57 -8.79 -8.88 -23.59
CA TRP B 57 -7.36 -9.12 -23.32
C TRP B 57 -6.67 -7.88 -22.76
N ILE B 58 -7.06 -6.70 -23.25
CA ILE B 58 -6.58 -5.42 -22.71
C ILE B 58 -7.17 -5.15 -21.32
N ARG B 59 -8.47 -5.40 -21.16
CA ARG B 59 -9.14 -5.19 -19.88
C ARG B 59 -8.56 -6.06 -18.76
N ALA B 60 -8.06 -7.24 -19.10
CA ALA B 60 -7.45 -8.16 -18.14
C ALA B 60 -5.97 -7.87 -17.81
N LEU B 61 -5.34 -6.94 -18.51
CA LEU B 61 -3.93 -6.60 -18.28
C LEU B 61 -3.71 -5.87 -16.97
N ASP B 62 -2.57 -6.18 -16.32
CA ASP B 62 -2.07 -5.36 -15.23
C ASP B 62 -1.72 -3.98 -15.79
N LEU B 63 -1.92 -2.94 -14.99
CA LEU B 63 -1.70 -1.55 -15.41
C LEU B 63 -0.27 -1.27 -15.89
N GLU B 64 0.71 -1.99 -15.33
CA GLU B 64 2.11 -1.84 -15.71
C GLU B 64 2.40 -2.33 -17.13
N ILE B 65 1.75 -3.42 -17.52
CA ILE B 65 1.96 -4.00 -18.86
C ILE B 65 1.35 -3.12 -19.93
N ILE B 66 0.09 -2.73 -19.76
CA ILE B 66 -0.56 -1.80 -20.69
C ILE B 66 0.23 -0.47 -20.78
N SER B 67 0.71 0.02 -19.64
CA SER B 67 1.55 1.22 -19.62
C SER B 67 2.83 1.06 -20.45
N LEU B 68 3.46 -0.11 -20.36
CA LEU B 68 4.63 -0.43 -21.19
C LEU B 68 4.28 -0.44 -22.68
N LEU B 69 3.18 -1.10 -23.04
CA LEU B 69 2.74 -1.14 -24.44
C LEU B 69 2.51 0.27 -25.01
N LEU B 70 1.94 1.15 -24.20
CA LEU B 70 1.69 2.55 -24.59
C LEU B 70 2.94 3.40 -24.78
N SER B 71 4.00 3.11 -24.02
CA SER B 71 5.21 3.97 -23.95
C SER B 71 6.50 3.36 -24.48
N ARG B 72 6.53 2.06 -24.73
CA ARG B 72 7.75 1.35 -25.18
C ARG B 72 8.46 1.96 -26.39
N ALA B 73 7.69 2.54 -27.32
CA ALA B 73 8.24 3.09 -28.57
C ALA B 73 8.59 4.59 -28.52
N TRP B 74 8.42 5.24 -27.37
CA TRP B 74 8.69 6.68 -27.26
C TRP B 74 10.19 6.95 -27.41
N PRO B 75 10.58 7.92 -28.25
CA PRO B 75 12.02 8.26 -28.31
C PRO B 75 12.54 8.79 -26.98
N MET B 76 13.85 8.67 -26.78
CA MET B 76 14.49 9.03 -25.50
C MET B 76 14.21 10.48 -25.08
N ALA B 77 14.22 11.40 -26.04
CA ALA B 77 13.88 12.82 -25.79
C ALA B 77 12.47 12.99 -25.20
N LEU B 78 11.54 12.16 -25.66
CA LEU B 78 10.17 12.17 -25.14
C LEU B 78 10.09 11.50 -23.76
N LEU B 79 10.75 10.36 -23.59
CA LEU B 79 10.79 9.65 -22.30
C LEU B 79 11.38 10.49 -21.15
N ALA B 80 12.42 11.27 -21.45
CA ALA B 80 13.08 12.12 -20.46
C ALA B 80 12.22 13.31 -20.01
N THR B 81 11.27 13.72 -20.83
CA THR B 81 10.42 14.91 -20.57
C THR B 81 8.92 14.62 -20.38
N SER B 82 8.52 13.35 -20.51
CA SER B 82 7.10 12.97 -20.45
C SER B 82 6.88 11.89 -19.41
N GLU B 83 5.60 11.70 -19.07
CA GLU B 83 5.16 10.63 -18.18
C GLU B 83 3.86 10.09 -18.75
N LEU B 84 3.59 8.80 -18.59
CA LEU B 84 2.30 8.25 -18.99
C LEU B 84 1.29 8.61 -17.92
N ARG B 85 0.50 9.66 -18.17
CA ARG B 85 -0.42 10.21 -17.18
C ARG B 85 -1.82 9.68 -17.41
N TRP B 86 -2.11 8.55 -16.77
CA TRP B 86 -3.47 8.03 -16.68
C TRP B 86 -4.31 9.09 -15.96
N ARG B 87 -5.55 9.28 -16.38
CA ARG B 87 -6.44 10.21 -15.70
C ARG B 87 -6.60 9.71 -14.26
N PRO B 88 -6.36 10.57 -13.27
CA PRO B 88 -6.61 10.17 -11.88
C PRO B 88 -8.10 10.04 -11.58
N THR B 89 -8.43 9.35 -10.49
CA THR B 89 -9.83 9.19 -10.07
C THR B 89 -10.47 10.54 -9.73
N VAL B 90 -9.64 11.47 -9.23
CA VAL B 90 -10.04 12.85 -8.95
C VAL B 90 -9.10 13.76 -9.74
N LEU B 91 -9.68 14.62 -10.58
CA LEU B 91 -8.92 15.44 -11.52
C LEU B 91 -9.37 16.90 -11.49
N THR B 92 -8.55 17.77 -12.07
CA THR B 92 -8.90 19.17 -12.28
C THR B 92 -9.40 19.28 -13.72
N ASP B 93 -10.64 19.77 -13.87
CA ASP B 93 -11.30 19.82 -15.17
C ASP B 93 -10.95 21.13 -15.89
N THR B 94 -11.49 21.31 -17.10
CA THR B 94 -11.11 22.45 -17.96
C THR B 94 -11.62 23.82 -17.47
N ASP B 95 -12.62 23.82 -16.59
CA ASP B 95 -13.08 25.05 -15.89
C ASP B 95 -12.41 25.25 -14.51
N ASN B 96 -11.33 24.51 -14.25
CA ASN B 96 -10.61 24.51 -12.96
C ASN B 96 -11.42 23.97 -11.78
N VAL B 97 -12.51 23.23 -12.06
CA VAL B 97 -13.32 22.61 -11.02
C VAL B 97 -12.81 21.18 -10.84
N VAL B 98 -12.63 20.76 -9.59
CA VAL B 98 -12.16 19.42 -9.28
C VAL B 98 -13.36 18.47 -9.39
N ARG B 99 -13.23 17.42 -10.21
CA ARG B 99 -14.28 16.43 -10.41
C ARG B 99 -13.73 15.01 -10.43
N LEU B 100 -14.61 14.06 -10.16
CA LEU B 100 -14.30 12.65 -10.36
C LEU B 100 -14.12 12.39 -11.85
N ASP B 101 -13.30 11.40 -12.20
CA ASP B 101 -13.06 11.07 -13.61
C ASP B 101 -14.37 10.83 -14.38
N ARG B 102 -15.33 10.17 -13.73
CA ARG B 102 -16.65 9.89 -14.32
C ARG B 102 -17.61 11.08 -14.41
N ARG B 103 -17.22 12.26 -13.92
CA ARG B 103 -18.00 13.48 -14.13
C ARG B 103 -17.32 14.48 -15.07
N GLN B 104 -16.16 14.12 -15.63
CA GLN B 104 -15.57 14.91 -16.71
C GLN B 104 -16.31 14.56 -17.99
N ARG B 105 -16.96 15.54 -18.60
CA ARG B 105 -17.72 15.32 -19.82
C ARG B 105 -16.78 15.22 -21.02
N LEU B 106 -16.63 14.01 -21.54
CA LEU B 106 -15.85 13.78 -22.76
C LEU B 106 -16.80 13.72 -23.96
N VAL B 107 -16.27 14.09 -25.12
CA VAL B 107 -17.02 14.00 -26.36
C VAL B 107 -16.21 13.24 -27.42
N ARG B 108 -16.92 12.50 -28.26
CA ARG B 108 -16.33 11.85 -29.42
C ARG B 108 -17.22 12.09 -30.63
N TRP B 109 -16.63 12.68 -31.66
CA TRP B 109 -17.28 12.85 -32.95
C TRP B 109 -17.09 11.55 -33.72
N ASP B 110 -18.20 10.91 -34.08
CA ASP B 110 -18.15 9.64 -34.80
C ASP B 110 -19.28 9.58 -35.83
N ARG B 111 -18.97 9.08 -37.02
CA ARG B 111 -19.95 8.96 -38.10
C ARG B 111 -20.81 7.70 -38.01
N ARG B 112 -20.43 6.76 -37.13
CA ARG B 112 -21.23 5.57 -36.88
C ARG B 112 -22.43 5.92 -35.98
N PRO B 113 -23.63 5.37 -36.31
CA PRO B 113 -24.87 5.79 -35.65
C PRO B 113 -25.16 5.04 -34.34
N PRO B 114 -26.14 5.51 -33.54
CA PRO B 114 -26.48 4.90 -32.24
C PRO B 114 -26.81 3.40 -32.27
N ASN B 115 -27.45 2.92 -33.33
CA ASN B 115 -27.72 1.48 -33.47
C ASN B 115 -26.46 0.61 -33.43
N GLU B 116 -25.32 1.16 -33.82
CA GLU B 116 -24.03 0.50 -33.63
C GLU B 116 -23.39 0.87 -32.28
N ILE B 117 -23.26 2.16 -32.00
CA ILE B 117 -22.44 2.65 -30.88
C ILE B 117 -23.07 2.38 -29.51
N PHE B 118 -24.37 2.63 -29.35
CA PHE B 118 -25.05 2.31 -28.08
C PHE B 118 -25.12 0.79 -27.86
N LEU B 119 -25.05 0.01 -28.93
CA LEU B 119 -25.05 -1.45 -28.84
C LEU B 119 -23.66 -2.01 -28.48
N ASP B 120 -22.64 -1.61 -29.23
CA ASP B 120 -21.28 -2.15 -29.09
C ASP B 120 -20.37 -1.35 -28.14
N GLY B 121 -20.71 -0.09 -27.86
CA GLY B 121 -19.75 0.86 -27.30
C GLY B 121 -18.76 1.26 -28.38
N PHE B 122 -17.63 1.83 -27.98
CA PHE B 122 -16.57 2.17 -28.92
C PHE B 122 -15.49 1.09 -28.91
N VAL B 123 -15.47 0.29 -29.98
CA VAL B 123 -14.48 -0.77 -30.16
C VAL B 123 -13.34 -0.22 -31.01
N PRO B 124 -12.07 -0.39 -30.57
CA PRO B 124 -10.96 0.14 -31.37
C PRO B 124 -10.76 -0.64 -32.67
N ILE B 125 -10.04 -0.03 -33.60
CA ILE B 125 -9.79 -0.63 -34.93
C ILE B 125 -8.97 -1.92 -34.80
N VAL B 126 -7.96 -1.90 -33.94
CA VAL B 126 -7.12 -3.08 -33.67
C VAL B 126 -7.57 -3.70 -32.34
N THR B 127 -8.10 -4.92 -32.40
CA THR B 127 -8.49 -5.68 -31.21
C THR B 127 -7.72 -6.99 -30.99
N ARG B 128 -6.89 -7.40 -31.97
CA ARG B 128 -6.17 -8.69 -31.89
C ARG B 128 -5.14 -8.72 -30.75
N GLU B 129 -4.84 -9.92 -30.27
CA GLU B 129 -4.05 -10.13 -29.06
C GLU B 129 -2.56 -9.78 -29.15
N ASN B 130 -1.98 -9.87 -30.35
CA ASN B 130 -0.55 -9.63 -30.54
C ASN B 130 -0.32 -8.48 -31.52
N PRO B 131 -0.74 -7.25 -31.14
CA PRO B 131 -0.64 -6.12 -32.06
C PRO B 131 0.80 -5.67 -32.27
N ASP B 132 1.05 -5.01 -33.40
CA ASP B 132 2.35 -4.42 -33.68
C ASP B 132 2.61 -3.27 -32.71
N TRP B 133 3.89 -2.95 -32.50
CA TRP B 133 4.25 -1.82 -31.63
C TRP B 133 3.67 -0.48 -32.13
N GLU B 134 3.53 -0.35 -33.45
CA GLU B 134 2.89 0.82 -34.05
C GLU B 134 1.42 0.96 -33.65
N GLU B 135 0.74 -0.16 -33.44
CA GLU B 135 -0.68 -0.18 -33.08
C GLU B 135 -0.96 0.05 -31.59
N THR B 136 0.06 -0.01 -30.74
CA THR B 136 -0.10 0.26 -29.30
C THR B 136 0.55 1.57 -28.83
N ASP B 137 1.29 2.26 -29.71
CA ASP B 137 2.04 3.45 -29.30
C ASP B 137 1.14 4.67 -29.14
N LEU B 138 1.07 5.21 -27.92
CA LEU B 138 0.23 6.37 -27.64
C LEU B 138 0.68 7.62 -28.40
N TYR B 139 1.98 7.84 -28.49
CA TYR B 139 2.53 9.04 -29.12
C TYR B 139 2.20 9.08 -30.62
N GLY B 140 2.50 7.99 -31.31
CA GLY B 140 2.15 7.82 -32.71
C GLY B 140 0.66 7.90 -32.98
N PHE B 141 -0.15 7.33 -32.08
CA PHE B 141 -1.61 7.44 -32.17
C PHE B 141 -2.06 8.89 -32.07
N ALA B 142 -1.57 9.59 -31.03
CA ALA B 142 -1.90 11.00 -30.82
C ALA B 142 -1.50 11.86 -32.02
N LYS B 143 -0.30 11.61 -32.56
CA LYS B 143 0.25 12.42 -33.65
C LYS B 143 -0.42 12.14 -35.00
N ASN B 144 -0.46 10.86 -35.38
CA ASN B 144 -0.80 10.45 -36.75
C ASN B 144 -2.17 9.80 -36.95
N ASN B 145 -2.82 9.37 -35.86
CA ASN B 145 -4.12 8.71 -35.90
C ASN B 145 -4.14 7.45 -36.80
N HIS B 146 -3.05 6.68 -36.78
CA HIS B 146 -3.00 5.44 -37.54
C HIS B 146 -3.77 4.34 -36.79
N PRO B 147 -4.20 3.27 -37.49
CA PRO B 147 -4.98 2.19 -36.85
C PRO B 147 -4.34 1.67 -35.56
N SER B 148 -5.13 1.55 -34.50
CA SER B 148 -4.59 1.28 -33.17
C SER B 148 -5.58 0.63 -32.23
N ILE B 149 -5.10 0.31 -31.03
CA ILE B 149 -5.94 -0.18 -29.93
C ILE B 149 -6.73 0.91 -29.19
N PHE B 150 -6.56 2.17 -29.58
CA PHE B 150 -7.12 3.31 -28.87
C PHE B 150 -8.43 3.81 -29.45
N VAL B 151 -9.30 4.31 -28.57
CA VAL B 151 -10.43 5.16 -28.97
C VAL B 151 -10.15 6.55 -28.41
N SER B 152 -10.16 7.55 -29.29
CA SER B 152 -9.92 8.94 -28.92
C SER B 152 -11.21 9.61 -28.46
N THR B 153 -11.07 10.47 -27.45
CA THR B 153 -12.13 11.38 -27.02
C THR B 153 -11.52 12.74 -26.71
N THR B 154 -12.37 13.75 -26.58
CA THR B 154 -11.94 15.12 -26.29
C THR B 154 -12.65 15.63 -25.03
N LYS B 155 -11.91 16.33 -24.17
CA LYS B 155 -12.50 16.97 -23.00
C LYS B 155 -13.38 18.13 -23.42
N THR B 156 -14.54 18.26 -22.80
CA THR B 156 -15.40 19.42 -23.00
C THR B 156 -14.69 20.65 -22.47
N GLN B 157 -14.64 21.72 -23.28
CA GLN B 157 -14.14 23.00 -22.79
C GLN B 157 -15.27 23.63 -21.97
N ARG B 158 -15.25 23.35 -20.66
CA ARG B 158 -16.20 23.93 -19.73
C ARG B 158 -15.74 25.38 -19.54
N ASN B 159 -16.59 26.33 -19.93
CA ASN B 159 -16.20 27.75 -20.00
C ASN B 159 -17.39 28.68 -19.69
N LYS B 162 -12.16 29.33 -23.34
CA LYS B 162 -12.91 30.08 -24.33
C LYS B 162 -13.06 29.30 -25.64
N TYR B 163 -11.94 29.04 -26.32
CA TYR B 163 -11.94 28.38 -27.63
C TYR B 163 -12.40 26.92 -27.54
N VAL B 164 -13.33 26.54 -28.41
CA VAL B 164 -13.92 25.20 -28.45
C VAL B 164 -13.51 24.51 -29.75
N TRP B 165 -12.71 23.44 -29.65
CA TRP B 165 -12.27 22.68 -30.81
C TRP B 165 -13.40 21.79 -31.36
N THR B 166 -13.46 21.69 -32.69
CA THR B 166 -14.28 20.71 -33.39
C THR B 166 -13.50 20.19 -34.61
N PRO B 167 -13.76 18.93 -35.04
CA PRO B 167 -13.05 18.41 -36.22
C PRO B 167 -13.45 19.14 -37.51
N ARG B 168 -12.54 19.17 -38.48
CA ARG B 168 -12.69 19.97 -39.70
C ARG B 168 -13.94 19.66 -40.52
N ASN B 169 -14.24 18.38 -40.70
CA ASN B 169 -15.41 17.93 -41.46
C ASN B 169 -16.65 17.64 -40.60
N ALA B 170 -16.69 18.17 -39.37
CA ALA B 170 -17.82 17.95 -38.45
C ALA B 170 -19.11 18.61 -38.91
N ASN B 171 -19.01 19.66 -39.72
CA ASN B 171 -20.18 20.31 -40.36
C ASN B 171 -20.52 19.77 -41.76
N ARG B 172 -20.01 18.59 -42.10
CA ARG B 172 -20.24 17.96 -43.39
C ARG B 172 -20.82 16.55 -43.19
N GLY B 173 -21.96 16.28 -43.82
CA GLY B 173 -22.58 14.96 -43.74
C GLY B 173 -23.24 14.68 -42.41
N ILE B 174 -23.42 13.39 -42.10
CA ILE B 174 -24.04 12.96 -40.85
C ILE B 174 -22.94 12.63 -39.85
N VAL B 175 -22.91 13.37 -38.73
CA VAL B 175 -21.94 13.14 -37.66
C VAL B 175 -22.67 13.10 -36.31
N TYR B 176 -22.20 12.23 -35.42
CA TYR B 176 -22.74 12.12 -34.07
C TYR B 176 -21.71 12.57 -33.06
N GLN B 177 -22.06 13.55 -32.23
CA GLN B 177 -21.23 13.91 -31.08
C GLN B 177 -21.72 13.10 -29.89
N TYR B 178 -20.99 12.04 -29.57
CA TYR B 178 -21.30 11.19 -28.43
C TYR B 178 -20.77 11.81 -27.14
N GLU B 179 -21.59 11.77 -26.10
CA GLU B 179 -21.26 12.33 -24.78
C GLU B 179 -20.91 11.17 -23.85
N ILE B 180 -19.71 11.24 -23.27
CA ILE B 180 -19.08 10.12 -22.58
C ILE B 180 -18.69 10.53 -21.15
N TYR B 181 -19.06 9.68 -20.19
CA TYR B 181 -18.66 9.81 -18.79
C TYR B 181 -18.07 8.48 -18.38
N ALA B 182 -16.74 8.36 -18.55
CA ALA B 182 -16.04 7.08 -18.39
C ALA B 182 -15.00 7.13 -17.27
N PRO B 183 -14.68 5.95 -16.71
CA PRO B 183 -13.54 5.84 -15.79
C PRO B 183 -12.23 5.69 -16.56
N GLY B 184 -11.13 6.20 -16.00
CA GLY B 184 -9.80 5.92 -16.50
C GLY B 184 -9.45 6.61 -17.80
N GLY B 185 -8.66 5.93 -18.63
CA GLY B 185 -8.14 6.52 -19.86
C GLY B 185 -6.88 7.33 -19.58
N VAL B 186 -6.20 7.72 -20.66
CA VAL B 186 -4.92 8.42 -20.58
C VAL B 186 -5.10 9.86 -21.03
N ASP B 187 -4.64 10.79 -20.20
CA ASP B 187 -4.66 12.20 -20.54
C ASP B 187 -3.44 12.54 -21.39
N VAL B 188 -3.67 12.84 -22.66
CA VAL B 188 -2.59 13.00 -23.63
C VAL B 188 -1.79 14.29 -23.38
N ASN B 189 -2.48 15.42 -23.18
CA ASN B 189 -1.80 16.69 -22.88
C ASN B 189 -1.00 16.65 -21.58
N ASP B 190 -1.56 16.04 -20.55
CA ASP B 190 -0.84 15.85 -19.28
C ASP B 190 0.38 14.96 -19.46
N SER B 191 0.27 13.94 -20.31
CA SER B 191 1.36 13.02 -20.56
C SER B 191 2.55 13.68 -21.29
N PHE B 192 2.26 14.36 -22.40
CA PHE B 192 3.31 14.88 -23.28
C PHE B 192 3.65 16.35 -23.08
N SER B 193 2.84 17.07 -22.30
CA SER B 193 3.09 18.49 -22.01
C SER B 193 3.20 19.28 -23.34
N ASP B 194 4.23 20.11 -23.50
CA ASP B 194 4.42 20.87 -24.74
C ASP B 194 4.88 20.03 -25.97
N ALA B 195 5.09 18.73 -25.79
CA ALA B 195 5.25 17.80 -26.93
C ALA B 195 3.93 17.16 -27.38
N SER B 196 2.79 17.54 -26.79
CA SER B 196 1.49 17.00 -27.21
C SER B 196 1.21 17.42 -28.65
N PRO B 197 0.98 16.45 -29.55
CA PRO B 197 0.89 16.81 -30.97
C PRO B 197 -0.29 17.70 -31.38
N TRP B 198 -1.44 17.54 -30.73
CA TRP B 198 -2.64 18.33 -31.03
C TRP B 198 -3.29 18.82 -29.72
N PRO B 199 -2.68 19.81 -29.04
CA PRO B 199 -3.13 20.25 -27.71
C PRO B 199 -4.61 20.64 -27.61
N ASN B 200 -5.14 21.33 -28.62
CA ASN B 200 -6.54 21.78 -28.59
C ASN B 200 -7.58 20.67 -28.74
N GLN B 201 -7.15 19.49 -29.21
CA GLN B 201 -8.00 18.29 -29.15
C GLN B 201 -8.25 17.78 -27.72
N MET B 202 -7.45 18.24 -26.76
CA MET B 202 -7.59 17.88 -25.33
C MET B 202 -7.96 16.41 -25.20
N GLN B 203 -7.10 15.58 -25.78
CA GLN B 203 -7.40 14.18 -26.04
C GLN B 203 -7.28 13.34 -24.77
N VAL B 204 -8.29 12.48 -24.56
CA VAL B 204 -8.22 11.42 -23.58
C VAL B 204 -8.37 10.10 -24.37
N ALA B 205 -7.34 9.26 -24.31
CA ALA B 205 -7.26 8.04 -25.11
C ALA B 205 -7.59 6.82 -24.26
N PHE B 206 -8.40 5.92 -24.82
CA PHE B 206 -8.86 4.72 -24.12
C PHE B 206 -8.34 3.47 -24.83
N PRO B 207 -7.21 2.90 -24.35
CA PRO B 207 -6.75 1.63 -24.92
C PRO B 207 -7.75 0.52 -24.63
N GLY B 208 -8.17 -0.19 -25.67
CA GLY B 208 -9.21 -1.21 -25.57
C GLY B 208 -10.64 -0.68 -25.64
N GLY B 209 -10.82 0.61 -25.89
CA GLY B 209 -12.13 1.19 -26.16
C GLY B 209 -12.94 1.60 -24.95
N ILE B 210 -14.24 1.79 -25.18
CA ILE B 210 -15.16 2.33 -24.18
C ILE B 210 -16.47 1.55 -24.22
N GLN B 211 -16.85 0.99 -23.07
CA GLN B 211 -18.13 0.27 -22.95
C GLN B 211 -19.32 1.20 -23.15
N ASN B 212 -20.40 0.64 -23.71
CA ASN B 212 -21.63 1.40 -23.97
C ASN B 212 -22.28 2.03 -22.73
N ILE B 213 -22.07 1.41 -21.57
CA ILE B 213 -22.59 1.94 -20.29
C ILE B 213 -22.02 3.30 -19.86
N TYR B 214 -20.92 3.74 -20.48
CA TYR B 214 -20.31 5.05 -20.20
C TYR B 214 -20.68 6.14 -21.22
N ILE B 215 -21.57 5.83 -22.15
CA ILE B 215 -22.03 6.78 -23.17
C ILE B 215 -23.44 7.23 -22.78
N ARG B 216 -23.59 8.51 -22.42
CA ARG B 216 -24.89 9.03 -21.96
C ARG B 216 -25.82 9.39 -23.12
N SER B 217 -25.29 10.07 -24.13
CA SER B 217 -26.13 10.62 -25.20
C SER B 217 -25.36 10.83 -26.49
N ALA B 218 -26.09 11.19 -27.54
CA ALA B 218 -25.50 11.53 -28.83
C ALA B 218 -26.29 12.65 -29.50
N ARG B 219 -25.57 13.68 -29.95
CA ARG B 219 -26.16 14.74 -30.77
C ARG B 219 -26.00 14.34 -32.24
N GLU B 220 -27.12 14.14 -32.92
CA GLU B 220 -27.11 13.81 -34.36
C GLU B 220 -27.06 15.09 -35.17
N LEU B 221 -25.93 15.33 -35.84
CA LEU B 221 -25.75 16.51 -36.69
C LEU B 221 -25.79 16.14 -38.16
N HIS B 222 -26.58 16.87 -38.94
CA HIS B 222 -26.61 16.75 -40.40
C HIS B 222 -26.09 18.07 -40.97
N ASN B 223 -24.93 18.03 -41.60
CA ASN B 223 -24.25 19.24 -42.11
C ASN B 223 -24.12 20.35 -41.05
N GLY B 224 -23.76 19.95 -39.83
CA GLY B 224 -23.62 20.88 -38.70
C GLY B 224 -24.88 21.24 -37.94
N ARG B 225 -26.05 20.88 -38.47
CA ARG B 225 -27.34 21.23 -37.87
C ARG B 225 -27.82 20.11 -36.96
N ILE B 226 -28.13 20.43 -35.71
CA ILE B 226 -28.70 19.46 -34.76
C ILE B 226 -30.07 18.97 -35.24
N GLN B 227 -30.24 17.65 -35.27
CA GLN B 227 -31.49 17.00 -35.70
C GLN B 227 -32.20 16.32 -34.55
N ARG B 228 -31.44 15.56 -33.76
CA ARG B 228 -31.97 14.75 -32.67
C ARG B 228 -30.94 14.66 -31.55
N ILE B 229 -31.42 14.47 -30.33
CA ILE B 229 -30.58 14.08 -29.19
C ILE B 229 -30.98 12.67 -28.78
N TRP B 230 -30.03 11.74 -28.85
CA TRP B 230 -30.27 10.34 -28.50
C TRP B 230 -29.90 10.12 -27.04
N ILE B 231 -30.77 9.44 -26.29
CA ILE B 231 -30.51 9.12 -24.89
C ILE B 231 -30.27 7.62 -24.78
N ASN B 232 -29.15 7.24 -24.17
CA ASN B 232 -28.80 5.84 -23.98
C ASN B 232 -29.45 5.30 -22.71
N PRO B 233 -30.41 4.35 -22.83
CA PRO B 233 -31.04 3.80 -21.61
C PRO B 233 -30.14 2.90 -20.75
N ASN B 234 -29.04 2.39 -21.31
CA ASN B 234 -28.07 1.58 -20.57
C ASN B 234 -26.92 2.37 -19.93
N PHE B 235 -26.97 3.70 -19.99
CA PHE B 235 -25.96 4.56 -19.36
C PHE B 235 -25.95 4.33 -17.84
N LEU B 236 -24.77 4.03 -17.30
CA LEU B 236 -24.59 3.89 -15.86
C LEU B 236 -24.36 5.30 -15.29
N ASP B 237 -25.41 5.88 -14.74
CA ASP B 237 -25.38 7.27 -14.30
C ASP B 237 -24.66 7.39 -12.94
N PRO B 238 -23.57 8.19 -12.89
CA PRO B 238 -22.90 8.42 -11.60
C PRO B 238 -23.60 9.43 -10.70
N GLY B 239 -24.62 10.12 -11.19
CA GLY B 239 -25.29 11.19 -10.45
C GLY B 239 -24.57 12.51 -10.62
N ASP B 240 -25.26 13.60 -10.28
CA ASP B 240 -24.71 14.96 -10.27
C ASP B 240 -24.26 15.53 -11.63
N LEU B 241 -24.68 14.91 -12.73
CA LEU B 241 -24.33 15.42 -14.06
C LEU B 241 -25.29 16.53 -14.45
N GLU B 242 -24.81 17.48 -15.25
CA GLU B 242 -25.68 18.53 -15.80
C GLU B 242 -26.76 17.92 -16.68
N PRO B 243 -27.95 18.56 -16.76
CA PRO B 243 -28.93 18.14 -17.76
C PRO B 243 -28.34 18.18 -19.18
N ILE B 244 -28.80 17.28 -20.03
CA ILE B 244 -28.29 17.18 -21.40
C ILE B 244 -28.59 18.50 -22.13
N VAL B 245 -27.60 19.03 -22.86
CA VAL B 245 -27.75 20.32 -23.55
C VAL B 245 -28.79 20.17 -24.67
N SER B 246 -29.77 21.07 -24.71
CA SER B 246 -30.89 20.95 -25.64
C SER B 246 -31.65 22.24 -25.85
N SER B 247 -32.41 22.28 -26.95
CA SER B 247 -33.37 23.34 -27.23
C SER B 247 -34.78 22.77 -27.16
N SER B 248 -35.77 23.65 -27.19
CA SER B 248 -37.18 23.25 -27.14
C SER B 248 -37.59 22.48 -28.41
N ARG B 249 -37.16 22.98 -29.56
CA ARG B 249 -37.49 22.37 -30.86
C ARG B 249 -36.67 21.13 -31.26
N THR B 250 -35.60 20.83 -30.51
CA THR B 250 -34.79 19.62 -30.75
C THR B 250 -35.42 18.42 -30.01
N PRO B 251 -35.88 17.39 -30.75
CA PRO B 251 -36.47 16.23 -30.09
C PRO B 251 -35.43 15.35 -29.39
N GLN B 252 -35.75 14.94 -28.16
CA GLN B 252 -34.93 13.98 -27.41
C GLN B 252 -35.57 12.60 -27.53
N VAL B 253 -34.78 11.61 -27.94
CA VAL B 253 -35.27 10.28 -28.28
C VAL B 253 -34.55 9.24 -27.42
N ILE B 254 -35.31 8.42 -26.69
CA ILE B 254 -34.76 7.31 -25.94
C ILE B 254 -34.47 6.19 -26.93
N TRP B 255 -33.19 5.82 -27.03
CA TRP B 255 -32.75 4.79 -27.97
C TRP B 255 -33.23 3.41 -27.53
N ARG B 256 -33.48 2.55 -28.52
CA ARG B 256 -33.63 1.11 -28.30
C ARG B 256 -32.90 0.39 -29.42
N MET B 257 -32.62 -0.90 -29.22
CA MET B 257 -31.95 -1.71 -30.23
C MET B 257 -32.72 -1.67 -31.56
N ASN B 258 -31.99 -1.49 -32.66
CA ASN B 258 -32.56 -1.40 -34.00
C ASN B 258 -33.67 -0.34 -34.12
N HIS B 259 -33.41 0.84 -33.55
CA HIS B 259 -34.35 1.96 -33.61
C HIS B 259 -34.53 2.36 -35.09
N PRO B 260 -35.79 2.55 -35.55
CA PRO B 260 -36.05 2.86 -36.98
C PRO B 260 -35.24 4.03 -37.58
N ASP B 261 -35.09 5.10 -36.80
CA ASP B 261 -34.22 6.25 -37.12
C ASP B 261 -32.82 6.22 -36.49
N GLY B 262 -32.37 5.07 -35.97
CA GLY B 262 -31.11 4.97 -35.26
C GLY B 262 -29.90 4.52 -36.07
N GLY B 263 -30.07 4.36 -37.38
CA GLY B 263 -29.00 3.85 -38.26
C GLY B 263 -28.58 4.77 -39.40
N HIS B 264 -28.87 6.07 -39.29
CA HIS B 264 -28.55 7.02 -40.37
C HIS B 264 -27.06 7.32 -40.40
N ARG B 265 -26.46 7.22 -41.58
CA ARG B 265 -25.02 7.42 -41.75
C ARG B 265 -24.67 7.80 -43.18
N ASP B 266 -23.44 8.24 -43.39
CA ASP B 266 -22.93 8.58 -44.72
C ASP B 266 -22.86 7.32 -45.59
N GLN B 267 -23.24 7.46 -46.86
CA GLN B 267 -23.37 6.32 -47.77
C GLN B 267 -22.08 6.10 -48.55
C1 EDO C . 16.96 -10.65 37.49
O1 EDO C . 15.70 -11.05 38.04
C2 EDO C . 18.05 -10.81 38.54
O2 EDO C . 17.68 -10.15 39.76
C1 EDO D . 14.45 -4.02 34.20
O1 EDO D . 14.62 -3.25 35.40
C2 EDO D . 14.27 -3.08 33.02
O2 EDO D . 15.54 -2.72 32.47
C1 EDO E . 8.78 -6.86 32.95
O1 EDO E . 9.43 -7.65 31.95
C2 EDO E . 8.99 -7.41 34.35
O2 EDO E . 10.12 -8.29 34.41
C1 EDO F . 16.04 -6.06 31.06
O1 EDO F . 15.38 -5.57 29.90
C2 EDO F . 16.51 -7.48 30.77
O2 EDO F . 16.39 -8.31 31.92
C1 EDO G . 12.31 0.73 37.17
O1 EDO G . 13.09 1.72 37.83
C2 EDO G . 13.23 -0.28 36.48
O2 EDO G . 13.96 -1.05 37.44
C1 EDO H . 16.73 1.17 37.60
O1 EDO H . 16.48 2.52 38.03
C2 EDO H . 18.05 1.11 36.84
O2 EDO H . 18.05 1.95 35.68
C1 EDO I . 12.41 8.91 36.62
O1 EDO I . 11.74 9.68 37.64
C2 EDO I . 13.83 9.43 36.42
O2 EDO I . 14.21 9.31 35.04
C1 EDO J . 21.08 0.72 18.46
O1 EDO J . 19.82 0.14 18.08
C2 EDO J . 20.88 1.72 19.60
O2 EDO J . 22.05 2.55 19.69
C1 EDO K . 17.48 3.20 12.70
O1 EDO K . 17.87 2.60 11.46
C2 EDO K . 16.50 2.30 13.42
O2 EDO K . 17.20 1.44 14.34
C1 EDO L . 17.35 1.42 7.70
O1 EDO L . 18.51 1.66 8.50
C2 EDO L . 16.13 2.04 8.36
O2 EDO L . 16.01 1.63 9.73
C1 EDO M . 1.12 8.08 17.77
O1 EDO M . 0.28 6.97 18.08
C2 EDO M . 2.44 7.98 18.52
O2 EDO M . 2.41 8.80 19.69
C1 EDO N . 9.60 -13.27 9.34
O1 EDO N . 8.18 -13.34 9.47
C2 EDO N . 10.18 -12.32 10.38
O2 EDO N . 9.83 -12.74 11.70
C1 EDO O . 12.97 -9.08 7.91
O1 EDO O . 13.84 -8.20 8.65
C2 EDO O . 12.05 -9.81 8.87
O2 EDO O . 12.70 -10.13 10.11
C1 EDO P . 12.44 -24.91 14.18
O1 EDO P . 13.71 -24.56 13.61
C2 EDO P . 11.81 -23.69 14.84
O2 EDO P . 11.01 -24.11 15.94
C1 EDO Q . -1.50 -16.21 27.91
O1 EDO Q . -2.55 -15.58 27.16
C2 EDO Q . -1.16 -17.56 27.28
O2 EDO Q . 0.19 -17.90 27.58
C1 EDO R . -5.87 7.64 30.15
O1 EDO R . -5.75 6.57 29.20
C2 EDO R . -5.94 8.96 29.42
O2 EDO R . -7.01 8.97 28.46
C1 EDO S . 25.41 -2.14 36.34
O1 EDO S . 24.89 -3.33 36.96
C2 EDO S . 24.60 -1.80 35.09
O2 EDO S . 24.57 -2.90 34.19
C1 EDO T . 11.63 -5.22 4.72
O1 EDO T . 10.52 -5.21 5.62
C2 EDO T . 12.52 -6.41 5.04
O2 EDO T . 11.88 -7.63 4.68
C1 EDO U . 13.68 -12.95 8.43
O1 EDO U . 14.23 -12.92 9.75
C2 EDO U . 14.11 -14.22 7.72
O2 EDO U . 15.54 -14.30 7.70
C1 EDO V . 23.52 -19.58 12.30
O1 EDO V . 22.93 -18.32 12.61
C2 EDO V . 24.96 -19.62 12.81
O2 EDO V . 25.83 -19.14 11.77
C1 EDO W . 24.48 -18.93 7.43
O1 EDO W . 24.18 -18.86 8.82
C2 EDO W . 26.00 -18.88 7.24
O2 EDO W . 26.52 -17.68 7.83
C1 EDO X . -12.99 13.05 -30.67
O1 EDO X . -13.84 13.12 -31.82
C2 EDO X . -11.54 13.19 -31.08
O2 EDO X . -10.74 13.12 -29.89
C1 EDO Y . -14.14 20.62 -27.34
O1 EDO Y . -13.20 20.72 -26.27
C2 EDO Y . -15.56 20.45 -26.81
O2 EDO Y . -15.84 21.45 -25.82
C1 EDO Z . -21.20 20.43 -26.86
O1 EDO Z . -22.32 20.74 -27.71
C2 EDO Z . -19.92 21.04 -27.43
O2 EDO Z . -18.80 20.58 -26.67
C1 EDO AA . -10.31 6.64 -34.76
O1 EDO AA . -11.20 7.75 -34.57
C2 EDO AA . -9.42 6.42 -33.54
O2 EDO AA . -10.11 6.76 -32.33
C1 EDO BA . -18.56 5.29 -41.40
O1 EDO BA . -19.47 4.65 -40.51
C2 EDO BA . -19.28 6.28 -42.32
O2 EDO BA . -20.66 5.92 -42.45
C1 EDO CA . -18.14 -6.07 -31.17
O1 EDO CA . -17.16 -6.66 -30.31
C2 EDO CA . -17.70 -6.22 -32.62
O2 EDO CA . -17.16 -4.99 -33.10
C1 EDO DA . 6.24 5.28 -19.15
O1 EDO DA . 6.23 4.22 -18.19
C2 EDO DA . 6.81 6.55 -18.52
O2 EDO DA . 5.81 7.17 -17.71
C1 EDO EA . -5.81 16.64 -14.50
O1 EDO EA . -6.06 16.92 -13.11
C2 EDO EA . -5.85 15.12 -14.71
O2 EDO EA . -6.52 14.79 -15.94
C1 EDO FA . -12.16 19.99 -3.46
O1 EDO FA . -11.79 20.73 -2.30
C2 EDO FA . -13.06 20.84 -4.34
O2 EDO FA . -12.40 22.06 -4.74
C1 EDO GA . -4.99 21.56 -32.51
O1 EDO GA . -4.08 21.40 -31.43
C2 EDO GA . -6.12 20.55 -32.46
O2 EDO GA . -6.52 20.23 -33.79
#